data_9HSF
#
_entry.id   9HSF
#
_cell.length_a   50.004
_cell.length_b   68.023
_cell.length_c   116.315
_cell.angle_alpha   90.000
_cell.angle_beta   90.000
_cell.angle_gamma   90.000
#
_symmetry.space_group_name_H-M   'I 2 2 2'
#
loop_
_entity.id
_entity.type
_entity.pdbx_description
1 polymer 'Cholinephosphate cytidylyltransferase'
2 non-polymer 3-azanyl-3-azanylidene-propanamide
3 water water
#
_entity_poly.entity_id   1
_entity_poly.type   'polypeptide(L)'
_entity_poly.pdbx_seq_one_letter_code
;GHMAVPDDDDDDDNSNDESEYESSQMDSEKNKGSIKNSKNVVIYADGVYDMLHLGHMKQLEQAKKLFENTTLIVGVTSDN
ETKLFKGQVVQTLEERTETLKHIRWVDEIISPCPWVVTPEFLEKYKIDYVAHDDIPYANNQKEDIYAWLKRAGKFKATQR
TEGVSTTDLIVRILKNYEDY
;
_entity_poly.pdbx_strand_id   A
#
# COMPACT_ATOMS: atom_id res chain seq x y z
N ASN A 40 -6.39 -21.26 -1.67
CA ASN A 40 -6.15 -19.87 -2.05
C ASN A 40 -6.48 -18.90 -0.92
N VAL A 41 -5.57 -17.95 -0.69
CA VAL A 41 -5.64 -17.04 0.45
C VAL A 41 -5.80 -15.63 -0.09
N VAL A 42 -6.80 -14.89 0.44
CA VAL A 42 -7.04 -13.52 0.02
C VAL A 42 -6.30 -12.57 0.97
N ILE A 43 -5.38 -11.80 0.42
CA ILE A 43 -4.61 -10.84 1.20
C ILE A 43 -5.05 -9.43 0.84
N TYR A 44 -5.02 -8.55 1.83
CA TYR A 44 -5.39 -7.16 1.63
C TYR A 44 -4.28 -6.26 2.14
N ALA A 45 -3.86 -5.34 1.30
CA ALA A 45 -2.93 -4.29 1.66
C ALA A 45 -3.52 -2.98 1.17
N ASP A 46 -3.30 -1.92 1.94
CA ASP A 46 -3.78 -0.60 1.59
C ASP A 46 -2.66 0.41 1.78
N GLY A 47 -2.90 1.62 1.30
CA GLY A 47 -1.88 2.63 1.32
C GLY A 47 -2.19 3.75 0.34
N VAL A 48 -1.31 4.74 0.36
CA VAL A 48 -1.47 5.90 -0.53
C VAL A 48 -0.95 5.57 -1.91
N TYR A 49 0.25 4.98 -1.97
CA TYR A 49 0.90 4.69 -3.24
C TYR A 49 1.11 5.95 -4.08
N ASP A 50 1.36 7.10 -3.44
CA ASP A 50 1.80 8.29 -4.16
C ASP A 50 3.19 8.07 -4.72
N MET A 51 3.41 8.54 -5.94
CA MET A 51 4.71 8.43 -6.62
C MET A 51 5.31 7.03 -6.45
N LEU A 52 4.54 6.01 -6.88
CA LEU A 52 4.88 4.61 -6.66
C LEU A 52 6.34 4.35 -7.01
N HIS A 53 7.06 3.74 -6.07
CA HIS A 53 8.47 3.42 -6.21
C HIS A 53 8.73 1.96 -5.83
N LEU A 54 10.00 1.57 -5.99
CA LEU A 54 10.45 0.23 -5.63
C LEU A 54 10.08 -0.16 -4.21
N GLY A 55 9.92 0.83 -3.32
CA GLY A 55 9.48 0.52 -1.95
C GLY A 55 8.07 -0.05 -1.90
N HIS A 56 7.11 0.63 -2.52
CA HIS A 56 5.77 0.05 -2.62
C HIS A 56 5.82 -1.32 -3.27
N MET A 57 6.48 -1.40 -4.44
CA MET A 57 6.53 -2.63 -5.21
C MET A 57 7.05 -3.80 -4.38
N LYS A 58 8.12 -3.57 -3.62
CA LYS A 58 8.66 -4.65 -2.79
C LYS A 58 7.70 -5.03 -1.68
N GLN A 59 6.99 -4.05 -1.12
CA GLN A 59 6.03 -4.35 -0.07
C GLN A 59 4.82 -5.09 -0.64
N LEU A 60 4.35 -4.68 -1.82
CA LEU A 60 3.32 -5.44 -2.52
C LEU A 60 3.80 -6.85 -2.85
N GLU A 61 5.04 -6.99 -3.34
CA GLU A 61 5.56 -8.31 -3.64
C GLU A 61 5.50 -9.20 -2.41
N GLN A 62 5.97 -8.67 -1.28
CA GLN A 62 5.99 -9.46 -0.06
C GLN A 62 4.59 -9.89 0.34
N ALA A 63 3.62 -8.96 0.26
CA ALA A 63 2.25 -9.32 0.55
C ALA A 63 1.77 -10.45 -0.36
N LYS A 64 2.02 -10.30 -1.68
CA LYS A 64 1.55 -11.27 -2.65
C LYS A 64 2.03 -12.68 -2.32
N LYS A 65 3.17 -12.79 -1.64
CA LYS A 65 3.87 -14.05 -1.47
C LYS A 65 3.84 -14.57 -0.04
N LEU A 66 3.05 -13.94 0.83
CA LEU A 66 2.84 -14.51 2.15
C LEU A 66 2.46 -15.99 2.07
N PHE A 67 1.65 -16.36 1.08
CA PHE A 67 1.27 -17.76 0.87
C PHE A 67 1.49 -18.18 -0.58
N GLU A 68 1.62 -19.50 -0.76
CA GLU A 68 1.94 -20.03 -2.08
C GLU A 68 0.86 -19.67 -3.09
N ASN A 69 -0.40 -19.62 -2.67
CA ASN A 69 -1.50 -19.34 -3.57
C ASN A 69 -2.34 -18.22 -2.98
N THR A 70 -2.24 -17.03 -3.56
CA THR A 70 -2.89 -15.87 -3.00
C THR A 70 -3.65 -15.09 -4.06
N THR A 71 -4.59 -14.29 -3.58
CA THR A 71 -5.20 -13.20 -4.34
C THR A 71 -4.97 -11.90 -3.57
N LEU A 72 -4.22 -10.99 -4.16
CA LEU A 72 -3.79 -9.77 -3.48
C LEU A 72 -4.71 -8.63 -3.89
N ILE A 73 -5.38 -8.03 -2.90
CA ILE A 73 -6.23 -6.86 -3.09
C ILE A 73 -5.51 -5.66 -2.49
N VAL A 74 -5.42 -4.59 -3.25
CA VAL A 74 -4.73 -3.39 -2.83
C VAL A 74 -5.75 -2.28 -2.76
N GLY A 75 -5.83 -1.61 -1.60
CA GLY A 75 -6.74 -0.51 -1.44
C GLY A 75 -5.96 0.79 -1.52
N VAL A 76 -6.49 1.74 -2.29
CA VAL A 76 -5.85 3.04 -2.52
C VAL A 76 -6.70 4.10 -1.83
N THR A 77 -6.12 4.72 -0.80
CA THR A 77 -6.82 5.73 -0.01
C THR A 77 -7.21 6.93 -0.86
N SER A 78 -8.29 7.59 -0.44
CA SER A 78 -8.82 8.73 -1.19
C SER A 78 -7.95 9.96 -1.01
N ASP A 79 -8.04 10.87 -1.97
CA ASP A 79 -7.33 12.15 -1.86
C ASP A 79 -7.74 12.90 -0.60
N ASN A 80 -9.03 13.22 -0.49
CA ASN A 80 -9.46 14.08 0.61
C ASN A 80 -9.08 13.49 1.96
N GLU A 81 -9.28 12.17 2.13
CA GLU A 81 -8.97 11.55 3.42
C GLU A 81 -7.47 11.48 3.68
N THR A 82 -6.68 11.10 2.68
CA THR A 82 -5.24 11.09 2.89
C THR A 82 -4.73 12.49 3.27
N LYS A 83 -5.25 13.52 2.62
CA LYS A 83 -4.79 14.87 2.94
C LYS A 83 -5.26 15.30 4.32
N LEU A 84 -6.47 14.91 4.72
CA LEU A 84 -7.01 15.34 6.01
C LEU A 84 -6.32 14.66 7.19
N PHE A 85 -5.93 13.39 7.04
CA PHE A 85 -5.44 12.61 8.16
C PHE A 85 -3.95 12.32 8.13
N LYS A 86 -3.29 12.37 6.98
CA LYS A 86 -1.92 11.87 6.87
C LYS A 86 -0.95 12.91 6.32
N GLY A 87 -1.20 13.44 5.14
CA GLY A 87 -0.28 14.41 4.59
C GLY A 87 -0.54 14.61 3.12
N GLN A 88 0.41 15.26 2.48
CA GLN A 88 0.26 15.73 1.11
C GLN A 88 0.42 14.58 0.12
N VAL A 89 -0.35 14.66 -0.96
CA VAL A 89 -0.33 13.68 -2.02
C VAL A 89 -0.16 14.43 -3.33
N VAL A 90 0.85 14.06 -4.10
CA VAL A 90 1.02 14.62 -5.44
C VAL A 90 -0.12 14.17 -6.34
N GLN A 91 -0.29 12.87 -6.49
CA GLN A 91 -1.12 12.30 -7.54
C GLN A 91 -2.56 12.07 -7.08
N THR A 92 -3.50 12.29 -8.00
CA THR A 92 -4.90 11.98 -7.74
C THR A 92 -5.11 10.48 -7.50
N LEU A 93 -6.25 10.15 -6.91
CA LEU A 93 -6.66 8.76 -6.80
C LEU A 93 -6.58 8.06 -8.15
N GLU A 94 -7.09 8.72 -9.19
CA GLU A 94 -7.13 8.08 -10.51
C GLU A 94 -5.74 7.80 -11.04
N GLU A 95 -4.79 8.73 -10.83
CA GLU A 95 -3.41 8.51 -11.27
C GLU A 95 -2.74 7.41 -10.45
N ARG A 96 -2.86 7.49 -9.12
CA ARG A 96 -2.17 6.54 -8.27
C ARG A 96 -2.67 5.12 -8.53
N THR A 97 -3.95 4.99 -8.92
CA THR A 97 -4.59 3.70 -9.20
C THR A 97 -4.16 3.16 -10.55
N GLU A 98 -4.16 4.02 -11.58
CA GLU A 98 -3.76 3.59 -12.91
C GLU A 98 -2.33 3.06 -12.93
N THR A 99 -1.47 3.57 -12.04
CA THR A 99 -0.09 3.11 -11.99
C THR A 99 0.02 1.76 -11.28
N LEU A 100 -0.69 1.59 -10.17
CA LEU A 100 -0.74 0.32 -9.47
C LEU A 100 -1.20 -0.83 -10.36
N LYS A 101 -2.04 -0.56 -11.34
CA LYS A 101 -2.50 -1.69 -12.14
C LYS A 101 -1.37 -2.32 -12.97
N HIS A 102 -0.20 -1.69 -13.03
CA HIS A 102 0.93 -2.23 -13.78
C HIS A 102 1.84 -3.10 -12.94
N ILE A 103 1.59 -3.20 -11.64
CA ILE A 103 2.44 -3.99 -10.77
C ILE A 103 1.97 -5.44 -10.83
N ARG A 104 2.86 -6.34 -11.24
CA ARG A 104 2.45 -7.72 -11.48
C ARG A 104 1.88 -8.36 -10.24
N TRP A 105 2.27 -7.92 -9.05
CA TRP A 105 1.79 -8.57 -7.84
C TRP A 105 0.34 -8.23 -7.52
N VAL A 106 -0.27 -7.28 -8.20
CA VAL A 106 -1.58 -6.78 -7.81
C VAL A 106 -2.65 -7.56 -8.57
N ASP A 107 -3.57 -8.19 -7.84
CA ASP A 107 -4.66 -8.92 -8.47
C ASP A 107 -5.96 -8.13 -8.51
N GLU A 108 -6.25 -7.38 -7.46
CA GLU A 108 -7.45 -6.54 -7.46
C GLU A 108 -7.16 -5.25 -6.70
N ILE A 109 -7.82 -4.18 -7.12
CA ILE A 109 -7.69 -2.88 -6.45
C ILE A 109 -9.06 -2.42 -5.99
N ILE A 110 -9.14 -1.98 -4.74
CA ILE A 110 -10.27 -1.21 -4.20
C ILE A 110 -9.87 0.26 -4.17
N SER A 111 -10.53 1.08 -4.99
CA SER A 111 -10.15 2.49 -5.18
C SER A 111 -11.37 3.40 -5.31
N PRO A 112 -11.65 4.29 -4.33
CA PRO A 112 -10.99 4.47 -3.03
C PRO A 112 -11.28 3.36 -2.07
N CYS A 113 -10.36 3.04 -1.21
CA CYS A 113 -10.64 2.12 -0.13
C CYS A 113 -11.04 2.91 1.11
N PRO A 114 -11.67 2.25 2.09
CA PRO A 114 -11.96 2.96 3.36
C PRO A 114 -10.68 3.46 3.99
N TRP A 115 -10.77 4.58 4.69
CA TRP A 115 -9.59 5.03 5.44
C TRP A 115 -9.29 4.09 6.60
N VAL A 116 -10.33 3.67 7.34
CA VAL A 116 -10.20 2.66 8.39
C VAL A 116 -10.72 1.34 7.86
N VAL A 117 -9.94 0.28 8.03
CA VAL A 117 -10.39 -1.08 7.70
C VAL A 117 -11.25 -1.59 8.85
N THR A 118 -12.39 -2.18 8.52
CA THR A 118 -13.35 -2.68 9.50
C THR A 118 -13.52 -4.18 9.37
N PRO A 119 -13.95 -4.86 10.46
CA PRO A 119 -14.24 -6.30 10.33
C PRO A 119 -15.33 -6.56 9.31
N GLU A 120 -16.34 -5.69 9.22
CA GLU A 120 -17.33 -5.79 8.16
C GLU A 120 -16.66 -5.74 6.80
N PHE A 121 -15.68 -4.85 6.64
CA PHE A 121 -14.98 -4.73 5.37
C PHE A 121 -14.26 -6.01 5.01
N LEU A 122 -13.66 -6.67 5.99
CA LEU A 122 -12.96 -7.92 5.70
C LEU A 122 -13.92 -8.97 5.15
N GLU A 123 -15.13 -9.03 5.68
CA GLU A 123 -16.06 -10.09 5.28
C GLU A 123 -16.65 -9.81 3.91
N LYS A 124 -16.98 -8.55 3.62
CA LYS A 124 -17.56 -8.21 2.32
C LYS A 124 -16.68 -8.70 1.18
N TYR A 125 -15.36 -8.60 1.32
CA TYR A 125 -14.42 -8.96 0.27
C TYR A 125 -13.73 -10.30 0.54
N LYS A 126 -14.20 -11.03 1.56
CA LYS A 126 -13.66 -12.33 1.91
C LYS A 126 -12.14 -12.29 1.98
N ILE A 127 -11.65 -11.40 2.86
CA ILE A 127 -10.22 -11.22 3.09
C ILE A 127 -9.77 -12.15 4.20
N ASP A 128 -8.74 -12.94 3.93
CA ASP A 128 -8.19 -13.78 4.99
C ASP A 128 -7.17 -13.05 5.83
N TYR A 129 -6.41 -12.16 5.23
CA TYR A 129 -5.29 -11.53 5.91
C TYR A 129 -5.14 -10.09 5.47
N VAL A 130 -4.67 -9.26 6.38
CA VAL A 130 -4.35 -7.87 6.10
C VAL A 130 -2.84 -7.73 6.27
N ALA A 131 -2.15 -7.35 5.19
CA ALA A 131 -0.69 -7.17 5.22
C ALA A 131 -0.36 -5.69 5.33
N HIS A 132 0.46 -5.32 6.33
CA HIS A 132 0.82 -3.91 6.55
C HIS A 132 2.08 -3.84 7.42
N ASP A 133 2.83 -2.76 7.24
CA ASP A 133 4.09 -2.58 7.98
C ASP A 133 3.87 -2.28 9.47
N ASP A 144 -2.85 -0.51 19.34
CA ASP A 144 -2.69 0.08 18.03
C ASP A 144 -3.99 -0.04 17.23
N ILE A 145 -4.07 0.69 16.12
CA ILE A 145 -5.28 0.64 15.29
C ILE A 145 -5.48 -0.72 14.62
N TYR A 146 -4.52 -1.64 14.74
CA TYR A 146 -4.58 -2.96 14.11
C TYR A 146 -4.73 -4.10 15.12
N ALA A 147 -4.88 -3.80 16.41
CA ALA A 147 -4.95 -4.84 17.43
C ALA A 147 -6.04 -5.85 17.14
N TRP A 148 -7.20 -5.37 16.69
CA TRP A 148 -8.28 -6.30 16.39
C TRP A 148 -7.91 -7.24 15.25
N LEU A 149 -7.00 -6.84 14.36
CA LEU A 149 -6.52 -7.73 13.30
C LEU A 149 -5.57 -8.78 13.85
N LYS A 150 -4.59 -8.35 14.65
CA LYS A 150 -3.75 -9.34 15.31
C LYS A 150 -4.60 -10.32 16.12
N ARG A 151 -5.78 -9.87 16.59
CA ARG A 151 -6.61 -10.73 17.47
C ARG A 151 -7.34 -11.75 16.61
N ALA A 152 -7.78 -11.37 15.41
CA ALA A 152 -8.38 -12.34 14.49
C ALA A 152 -7.34 -13.25 13.87
N GLY A 153 -6.06 -13.10 14.21
CA GLY A 153 -5.04 -13.80 13.47
C GLY A 153 -4.95 -13.40 12.02
N LYS A 154 -5.47 -12.22 11.67
CA LYS A 154 -5.51 -11.76 10.30
C LYS A 154 -4.46 -10.70 9.98
N PHE A 155 -3.49 -10.48 10.85
CA PHE A 155 -2.47 -9.47 10.61
C PHE A 155 -1.19 -10.12 10.07
N LYS A 156 -0.65 -9.55 9.00
CA LYS A 156 0.61 -10.02 8.41
C LYS A 156 1.51 -8.82 8.13
N ALA A 157 2.67 -8.78 8.77
CA ALA A 157 3.52 -7.60 8.70
C ALA A 157 4.39 -7.66 7.46
N THR A 158 4.35 -6.58 6.68
CA THR A 158 5.25 -6.37 5.56
C THR A 158 6.24 -5.27 5.93
N GLN A 159 7.42 -5.34 5.33
CA GLN A 159 8.52 -4.44 5.68
C GLN A 159 8.64 -3.29 4.71
N ARG A 160 9.18 -2.18 5.20
CA ARG A 160 9.54 -1.03 4.38
C ARG A 160 11.02 -1.10 4.03
N THR A 161 11.33 -0.75 2.79
CA THR A 161 12.71 -0.58 2.35
C THR A 161 13.05 0.91 2.46
N GLU A 162 14.13 1.25 3.16
CA GLU A 162 14.56 2.64 3.21
C GLU A 162 15.40 2.97 1.97
N GLY A 163 15.35 4.25 1.59
CA GLY A 163 16.29 4.77 0.61
C GLY A 163 16.01 4.49 -0.85
N VAL A 164 14.76 4.19 -1.23
CA VAL A 164 14.45 3.90 -2.63
C VAL A 164 13.20 4.64 -3.06
N SER A 165 12.74 5.58 -2.23
CA SER A 165 11.56 6.35 -2.56
C SER A 165 11.85 7.31 -3.70
N THR A 166 10.79 7.71 -4.41
CA THR A 166 10.92 8.68 -5.48
C THR A 166 11.59 9.97 -5.00
N THR A 167 11.28 10.41 -3.76
CA THR A 167 11.92 11.63 -3.26
C THR A 167 13.42 11.40 -3.03
N ASP A 168 13.79 10.22 -2.54
CA ASP A 168 15.21 9.88 -2.46
C ASP A 168 15.90 10.07 -3.80
N LEU A 169 15.18 9.81 -4.89
CA LEU A 169 15.78 9.91 -6.21
C LEU A 169 16.05 11.37 -6.58
N ILE A 170 15.08 12.26 -6.33
CA ILE A 170 15.28 13.67 -6.62
C ILE A 170 16.45 14.22 -5.81
N VAL A 171 16.58 13.77 -4.57
CA VAL A 171 17.73 14.17 -3.75
C VAL A 171 19.04 13.81 -4.45
N ARG A 172 19.13 12.58 -4.99
CA ARG A 172 20.34 12.18 -5.70
C ARG A 172 20.57 13.05 -6.92
N ILE A 173 19.51 13.52 -7.58
CA ILE A 173 19.70 14.44 -8.70
C ILE A 173 20.35 15.73 -8.20
N LEU A 174 19.84 16.28 -7.11
CA LEU A 174 20.33 17.58 -6.63
C LEU A 174 21.77 17.49 -6.14
N LYS A 175 22.20 16.31 -5.67
CA LYS A 175 23.57 16.19 -5.18
C LYS A 175 24.63 16.34 -6.28
N ASN A 176 24.25 16.50 -7.56
CA ASN A 176 25.25 16.81 -8.59
C ASN A 176 25.65 18.28 -8.59
N TYR A 177 24.91 19.11 -7.87
CA TYR A 177 25.13 20.55 -7.80
C TYR A 177 25.75 20.83 -6.44
N GLU A 178 27.08 20.90 -6.41
CA GLU A 178 27.77 21.18 -5.17
C GLU A 178 27.25 22.50 -4.63
N ASP A 179 27.25 22.63 -3.31
CA ASP A 179 26.69 23.83 -2.72
C ASP A 179 27.52 25.07 -3.06
N TYR A 180 28.77 24.91 -3.47
CA TYR A 180 29.57 26.07 -3.85
C TYR A 180 30.40 25.79 -5.10
#